data_3HI2
#
_entry.id   3HI2
#
_cell.length_a   63.234
_cell.length_b   63.234
_cell.length_c   194.886
_cell.angle_alpha   90.00
_cell.angle_beta   90.00
_cell.angle_gamma   90.00
#
_symmetry.space_group_name_H-M   'P 41 21 2'
#
loop_
_entity.id
_entity.type
_entity.pdbx_description
1 polymer 'HTH-type transcriptional regulator mqsA(ygiT)'
2 polymer 'Motility quorum-sensing regulator mqsR'
3 non-polymer 'ZINC ION'
4 non-polymer GLYCEROL
5 water water
#
loop_
_entity_poly.entity_id
_entity_poly.type
_entity_poly.pdbx_seq_one_letter_code
_entity_poly.pdbx_strand_id
1 'polypeptide(L)' MKCPVCHQGEMVSGIKDIPYTFRGRKTVLKGIHGLYCVHCEESIMNKEESDAFMAQVKAFRASVNAETVAPEFIVK A,C
2 'polypeptide(L)'
;GSHMEKRTPHTRLSQVKKLVNAGQVRTTRSALLNADELGLDFDGMCNVIIGLSESDFYKSMTTYSDHTIWQDVYRPRLVT
GQVYLKITVIHDVLIVSFKEK
;
B,D
#
loop_
_chem_comp.id
_chem_comp.type
_chem_comp.name
_chem_comp.formula
GOL non-polymer GLYCEROL 'C3 H8 O3'
ZN non-polymer 'ZINC ION' 'Zn 2'
#
# COMPACT_ATOMS: atom_id res chain seq x y z
N MET A 1 5.03 -10.38 4.17
CA MET A 1 4.89 -10.51 5.63
C MET A 1 3.93 -11.64 5.96
N LYS A 2 4.03 -12.14 7.19
CA LYS A 2 3.10 -13.16 7.70
C LYS A 2 1.93 -12.50 8.38
N CYS A 3 0.79 -13.17 8.36
CA CYS A 3 -0.43 -12.63 8.95
C CYS A 3 -0.24 -12.30 10.45
N PRO A 4 -0.68 -11.11 10.89
CA PRO A 4 -0.59 -10.65 12.28
C PRO A 4 -1.48 -11.36 13.26
N VAL A 5 -2.48 -12.10 12.79
CA VAL A 5 -3.44 -12.80 13.63
C VAL A 5 -3.13 -14.29 13.72
N CYS A 6 -3.04 -14.99 12.59
CA CYS A 6 -2.72 -16.43 12.65
C CYS A 6 -1.20 -16.71 12.74
N HIS A 7 -0.39 -15.74 12.35
CA HIS A 7 1.07 -15.85 12.30
C HIS A 7 1.64 -16.91 11.37
N GLN A 8 0.85 -17.36 10.39
CA GLN A 8 1.36 -18.40 9.49
C GLN A 8 1.31 -17.99 8.05
N GLY A 9 0.14 -17.53 7.60
CA GLY A 9 -0.09 -17.35 6.18
C GLY A 9 0.70 -16.15 5.67
N GLU A 10 1.33 -16.30 4.51
CA GLU A 10 1.87 -15.14 3.83
C GLU A 10 0.69 -14.25 3.39
N MET A 11 0.86 -12.94 3.44
CA MET A 11 -0.18 -12.00 3.03
CA MET A 11 -0.19 -12.05 3.00
C MET A 11 0.04 -11.66 1.55
N VAL A 12 -1.01 -11.77 0.75
CA VAL A 12 -0.93 -11.54 -0.70
C VAL A 12 -1.94 -10.49 -1.18
N SER A 13 -1.44 -9.49 -1.92
CA SER A 13 -2.26 -8.42 -2.49
C SER A 13 -3.36 -8.98 -3.40
N GLY A 14 -4.58 -8.48 -3.24
CA GLY A 14 -5.68 -8.99 -4.06
C GLY A 14 -7.01 -8.32 -3.80
N ILE A 15 -8.06 -8.93 -4.36
CA ILE A 15 -9.43 -8.46 -4.28
C ILE A 15 -10.27 -9.62 -3.81
N LYS A 16 -11.22 -9.37 -2.92
CA LYS A 16 -12.16 -10.38 -2.50
C LYS A 16 -13.56 -9.77 -2.34
N ASP A 17 -14.57 -10.62 -2.48
CA ASP A 17 -15.96 -10.29 -2.11
C ASP A 17 -16.12 -10.77 -0.66
N ILE A 18 -16.49 -9.87 0.25
CA ILE A 18 -16.50 -10.18 1.68
C ILE A 18 -17.91 -10.20 2.23
N PRO A 19 -18.37 -11.38 2.69
CA PRO A 19 -19.65 -11.41 3.37
C PRO A 19 -19.66 -10.54 4.61
N TYR A 20 -20.81 -9.92 4.85
CA TYR A 20 -21.01 -9.04 5.97
C TYR A 20 -22.46 -9.14 6.43
N THR A 21 -22.67 -9.33 7.73
CA THR A 21 -24.01 -9.42 8.29
C THR A 21 -24.20 -8.29 9.30
N PHE A 22 -25.42 -7.80 9.38
CA PHE A 22 -25.75 -6.67 10.25
C PHE A 22 -27.21 -6.74 10.58
N ARG A 23 -27.53 -6.88 11.87
CA ARG A 23 -28.89 -6.88 12.38
C ARG A 23 -29.86 -7.77 11.64
N GLY A 24 -29.42 -9.02 11.45
CA GLY A 24 -30.24 -10.04 10.82
C GLY A 24 -30.36 -9.88 9.32
N ARG A 25 -29.48 -9.08 8.72
CA ARG A 25 -29.46 -8.93 7.27
C ARG A 25 -28.04 -9.14 6.81
N LYS A 26 -27.87 -9.42 5.54
CA LYS A 26 -26.56 -9.69 5.02
C LYS A 26 -26.38 -9.22 3.60
N THR A 27 -25.11 -9.04 3.24
CA THR A 27 -24.69 -8.57 1.96
C THR A 27 -23.33 -9.21 1.64
N VAL A 28 -22.84 -8.96 0.45
CA VAL A 28 -21.46 -9.26 0.13
C VAL A 28 -20.87 -7.96 -0.34
N LEU A 29 -19.80 -7.53 0.30
CA LEU A 29 -19.11 -6.30 -0.02
C LEU A 29 -18.17 -6.63 -1.18
N LYS A 30 -18.42 -6.01 -2.33
CA LYS A 30 -17.78 -6.38 -3.59
C LYS A 30 -16.47 -5.68 -3.84
N GLY A 31 -15.50 -6.42 -4.37
CA GLY A 31 -14.22 -5.88 -4.83
C GLY A 31 -13.43 -5.13 -3.78
N ILE A 32 -13.33 -5.72 -2.59
CA ILE A 32 -12.54 -5.15 -1.52
C ILE A 32 -11.08 -5.46 -1.79
N HIS A 33 -10.33 -4.38 -2.00
CA HIS A 33 -8.90 -4.47 -2.15
C HIS A 33 -8.14 -4.53 -0.79
N GLY A 34 -7.14 -5.39 -0.72
CA GLY A 34 -6.25 -5.48 0.44
C GLY A 34 -5.18 -6.53 0.33
N LEU A 35 -4.45 -6.75 1.43
CA LEU A 35 -3.46 -7.80 1.56
C LEU A 35 -4.11 -8.92 2.33
N TYR A 36 -4.30 -10.09 1.70
CA TYR A 36 -5.13 -11.15 2.24
C TYR A 36 -4.27 -12.30 2.74
N CYS A 37 -4.51 -12.74 3.98
CA CYS A 37 -3.88 -13.94 4.49
C CYS A 37 -4.32 -15.15 3.63
N VAL A 38 -3.38 -16.01 3.26
CA VAL A 38 -3.68 -17.24 2.51
C VAL A 38 -4.12 -18.37 3.45
N HIS A 39 -4.02 -18.15 4.76
CA HIS A 39 -4.31 -19.22 5.72
C HIS A 39 -5.61 -18.97 6.49
N CYS A 40 -5.84 -17.74 6.94
CA CYS A 40 -7.09 -17.41 7.60
C CYS A 40 -7.77 -16.30 6.81
N GLU A 41 -8.87 -15.79 7.32
CA GLU A 41 -9.61 -14.83 6.53
C GLU A 41 -9.20 -13.35 6.78
N GLU A 42 -8.17 -13.12 7.60
CA GLU A 42 -7.75 -11.76 7.90
C GLU A 42 -7.17 -11.06 6.65
N SER A 43 -7.27 -9.75 6.65
CA SER A 43 -6.63 -8.90 5.65
C SER A 43 -6.07 -7.63 6.27
N ILE A 44 -5.19 -6.95 5.54
CA ILE A 44 -4.60 -5.71 5.99
C ILE A 44 -4.90 -4.68 4.93
N MET A 45 -5.27 -3.49 5.38
CA MET A 45 -5.66 -2.44 4.46
C MET A 45 -5.02 -1.11 4.88
N ASN A 46 -4.64 -0.34 3.87
CA ASN A 46 -4.18 1.04 4.04
C ASN A 46 -5.36 1.98 4.19
N LYS A 47 -5.10 3.28 4.28
CA LYS A 47 -6.17 4.28 4.49
C LYS A 47 -7.24 4.27 3.41
N GLU A 48 -6.84 4.33 2.16
CA GLU A 48 -7.79 4.36 1.06
C GLU A 48 -8.66 3.14 1.04
N GLU A 49 -8.04 1.96 1.15
CA GLU A 49 -8.77 0.72 1.17
C GLU A 49 -9.72 0.63 2.36
N SER A 50 -9.24 1.06 3.53
CA SER A 50 -10.01 1.01 4.78
C SER A 50 -11.26 1.88 4.68
N ASP A 51 -11.08 3.13 4.24
CA ASP A 51 -12.14 4.08 4.06
C ASP A 51 -13.19 3.52 3.06
N ALA A 52 -12.76 2.94 1.94
CA ALA A 52 -13.72 2.40 0.93
C ALA A 52 -14.52 1.20 1.47
N PHE A 53 -13.83 0.30 2.16
CA PHE A 53 -14.49 -0.77 2.90
C PHE A 53 -15.54 -0.25 3.86
N MET A 54 -15.16 0.68 4.74
CA MET A 54 -16.08 1.16 5.76
C MET A 54 -17.27 1.95 5.13
N ALA A 55 -17.05 2.55 3.95
CA ALA A 55 -18.13 3.26 3.25
C ALA A 55 -19.18 2.26 2.75
N GLN A 56 -18.73 1.10 2.26
CA GLN A 56 -19.66 0.07 1.84
C GLN A 56 -20.36 -0.56 3.03
N VAL A 57 -19.59 -0.83 4.09
CA VAL A 57 -20.17 -1.29 5.34
C VAL A 57 -21.22 -0.32 5.84
N LYS A 58 -20.85 0.96 5.90
CA LYS A 58 -21.77 1.97 6.39
CA LYS A 58 -21.78 1.99 6.38
C LYS A 58 -22.98 2.16 5.45
N ALA A 59 -22.78 2.08 4.13
CA ALA A 59 -23.93 2.14 3.19
C ALA A 59 -24.92 0.99 3.46
N PHE A 60 -24.42 -0.22 3.64
CA PHE A 60 -25.28 -1.34 3.94
C PHE A 60 -26.00 -1.18 5.28
N ARG A 61 -25.30 -0.75 6.34
CA ARG A 61 -25.99 -0.49 7.60
C ARG A 61 -27.07 0.57 7.46
N ALA A 62 -26.82 1.62 6.67
CA ALA A 62 -27.85 2.66 6.42
C ALA A 62 -29.11 2.06 5.80
N SER A 63 -28.92 1.17 4.83
CA SER A 63 -30.00 0.47 4.15
C SER A 63 -30.82 -0.41 5.12
N VAL A 64 -30.13 -1.16 5.96
CA VAL A 64 -30.80 -2.08 6.90
C VAL A 64 -31.57 -1.29 7.96
N ASN A 65 -30.98 -0.21 8.45
CA ASN A 65 -31.60 0.59 9.51
C ASN A 65 -32.88 1.28 9.06
N ALA A 66 -32.98 1.61 7.77
CA ALA A 66 -34.21 2.16 7.20
C ALA A 66 -35.30 1.17 6.74
N GLU A 67 -35.00 -0.13 6.81
CA GLU A 67 -35.81 -1.18 6.20
C GLU A 67 -37.00 -1.49 7.09
N THR A 68 -38.17 -1.62 6.46
CA THR A 68 -39.41 -1.98 7.18
C THR A 68 -39.33 -3.42 7.69
N VAL A 69 -39.82 -3.64 8.90
CA VAL A 69 -40.11 -4.99 9.37
C VAL A 69 -41.62 -5.17 9.32
N ALA A 70 -42.09 -6.18 8.58
CA ALA A 70 -43.53 -6.39 8.38
C ALA A 70 -44.13 -7.25 9.48
N MET B 4 9.40 -15.62 25.19
CA MET B 4 8.64 -15.09 24.02
C MET B 4 8.00 -13.75 24.33
N GLU B 5 8.38 -13.13 25.45
CA GLU B 5 7.90 -11.78 25.79
C GLU B 5 8.99 -10.93 26.35
N LYS B 6 8.93 -9.62 26.07
CA LYS B 6 9.87 -8.67 26.65
C LYS B 6 9.12 -7.49 27.30
N ARG B 7 9.80 -6.83 28.23
CA ARG B 7 9.23 -5.71 28.98
C ARG B 7 9.64 -4.37 28.36
N THR B 8 10.34 -4.42 27.24
CA THR B 8 10.67 -3.21 26.47
C THR B 8 10.08 -3.28 25.05
N PRO B 9 9.68 -2.12 24.48
CA PRO B 9 9.10 -2.14 23.13
C PRO B 9 10.14 -2.49 22.07
N HIS B 10 9.71 -3.20 21.02
CA HIS B 10 10.60 -3.54 19.91
C HIS B 10 10.93 -2.32 19.02
N THR B 11 9.95 -1.45 18.82
CA THR B 11 10.16 -0.23 18.03
C THR B 11 10.00 0.97 18.95
N ARG B 12 10.95 1.90 18.88
CA ARG B 12 10.88 3.11 19.68
C ARG B 12 9.62 3.88 19.27
N LEU B 13 8.92 4.38 20.27
CA LEU B 13 7.65 5.05 20.06
C LEU B 13 7.80 6.28 19.14
N SER B 14 8.96 6.95 19.18
CA SER B 14 9.24 8.10 18.27
C SER B 14 9.21 7.68 16.79
N GLN B 15 9.70 6.48 16.53
CA GLN B 15 9.68 5.92 15.19
C GLN B 15 8.28 5.48 14.77
N VAL B 16 7.53 4.87 15.69
CA VAL B 16 6.08 4.59 15.47
C VAL B 16 5.32 5.84 15.03
N LYS B 17 5.49 6.93 15.76
CA LYS B 17 4.78 8.16 15.45
C LYS B 17 5.24 8.80 14.18
N LYS B 18 6.52 8.65 13.86
CA LYS B 18 7.03 9.18 12.61
C LYS B 18 6.37 8.49 11.43
N LEU B 19 6.22 7.17 11.52
CA LEU B 19 5.60 6.40 10.46
C LEU B 19 4.15 6.81 10.27
N VAL B 20 3.42 6.89 11.38
CA VAL B 20 2.03 7.29 11.35
C VAL B 20 1.85 8.72 10.84
N ASN B 21 2.65 9.64 11.36
CA ASN B 21 2.68 10.98 10.82
C ASN B 21 3.10 11.10 9.34
N ALA B 22 3.78 10.09 8.78
CA ALA B 22 4.08 10.04 7.34
C ALA B 22 3.05 9.24 6.53
N GLY B 23 2.00 8.77 7.19
CA GLY B 23 0.96 8.00 6.53
C GLY B 23 1.38 6.58 6.20
N GLN B 24 2.45 6.09 6.83
CA GLN B 24 3.02 4.80 6.50
C GLN B 24 2.41 3.78 7.49
N VAL B 25 1.10 3.55 7.32
CA VAL B 25 0.28 2.81 8.32
C VAL B 25 -0.74 1.97 7.60
N ARG B 26 -0.89 0.71 8.04
CA ARG B 26 -2.05 -0.10 7.62
C ARG B 26 -2.64 -0.84 8.81
N THR B 27 -3.85 -1.33 8.64
CA THR B 27 -4.61 -1.95 9.75
C THR B 27 -5.24 -3.24 9.28
N THR B 28 -5.52 -4.15 10.21
CA THR B 28 -6.23 -5.33 9.81
C THR B 28 -7.72 -5.00 9.66
N ARG B 29 -8.44 -5.81 8.91
CA ARG B 29 -9.88 -5.63 8.72
C ARG B 29 -10.65 -5.79 10.06
N SER B 30 -10.23 -6.75 10.88
CA SER B 30 -10.87 -6.94 12.17
C SER B 30 -10.64 -5.72 13.06
N ALA B 31 -9.46 -5.14 13.06
CA ALA B 31 -9.18 -3.95 13.88
C ALA B 31 -10.01 -2.75 13.45
N LEU B 32 -10.18 -2.62 12.13
CA LEU B 32 -10.99 -1.57 11.56
C LEU B 32 -12.45 -1.63 12.04
N LEU B 33 -13.06 -2.83 12.02
CA LEU B 33 -14.43 -3.00 12.44
C LEU B 33 -14.54 -2.83 13.95
N ASN B 34 -13.55 -3.32 14.66
CA ASN B 34 -13.46 -3.14 16.09
C ASN B 34 -13.37 -1.65 16.48
N ALA B 35 -12.49 -0.94 15.81
CA ALA B 35 -12.31 0.50 16.07
C ALA B 35 -13.64 1.25 15.80
N ASP B 36 -14.33 0.85 14.75
CA ASP B 36 -15.64 1.43 14.42
C ASP B 36 -16.66 1.32 15.55
N GLU B 37 -16.65 0.19 16.27
CA GLU B 37 -17.53 0.00 17.43
C GLU B 37 -17.24 1.04 18.52
N LEU B 38 -16.01 1.51 18.57
CA LEU B 38 -15.51 2.47 19.57
C LEU B 38 -15.60 3.89 19.04
N GLY B 39 -16.16 4.03 17.85
CA GLY B 39 -16.35 5.33 17.22
C GLY B 39 -15.11 5.87 16.54
N LEU B 40 -14.17 4.99 16.21
CA LEU B 40 -12.89 5.37 15.59
C LEU B 40 -12.76 4.87 14.16
N ASP B 41 -12.51 5.79 13.23
CA ASP B 41 -12.20 5.37 11.85
C ASP B 41 -10.70 5.18 11.70
N PHE B 42 -10.19 5.00 10.48
CA PHE B 42 -8.76 4.73 10.26
C PHE B 42 -7.95 5.86 10.82
N ASP B 43 -8.37 7.08 10.49
CA ASP B 43 -7.72 8.27 11.03
C ASP B 43 -7.79 8.31 12.54
N GLY B 44 -8.95 7.92 13.09
CA GLY B 44 -9.10 7.74 14.54
C GLY B 44 -8.02 6.85 15.18
N MET B 45 -7.73 5.70 14.57
CA MET B 45 -6.70 4.79 15.07
C MET B 45 -5.34 5.48 15.05
N CYS B 46 -5.04 6.17 13.95
CA CYS B 46 -3.82 6.98 13.87
C CYS B 46 -3.70 8.03 14.96
N ASN B 47 -4.78 8.74 15.26
CA ASN B 47 -4.77 9.70 16.35
C ASN B 47 -4.53 9.05 17.70
N VAL B 48 -5.08 7.84 17.92
CA VAL B 48 -4.81 7.14 19.16
C VAL B 48 -3.31 6.79 19.25
N ILE B 49 -2.74 6.33 18.15
CA ILE B 49 -1.32 5.95 18.15
C ILE B 49 -0.43 7.18 18.43
N ILE B 50 -0.74 8.30 17.79
CA ILE B 50 0.03 9.49 18.05
C ILE B 50 -0.22 10.07 19.44
N GLY B 51 -1.30 9.69 20.11
CA GLY B 51 -1.49 10.07 21.52
C GLY B 51 -0.84 9.16 22.56
N LEU B 52 -0.26 8.05 22.13
CA LEU B 52 0.40 7.11 23.06
C LEU B 52 1.57 7.76 23.80
N SER B 53 1.71 7.38 25.09
CA SER B 53 2.94 7.56 25.85
C SER B 53 3.62 6.22 26.14
N GLU B 54 4.90 6.30 26.52
CA GLU B 54 5.65 5.12 26.99
C GLU B 54 4.93 4.42 28.14
N SER B 55 4.23 5.19 28.96
CA SER B 55 3.47 4.63 30.06
C SER B 55 2.29 3.75 29.59
N ASP B 56 1.89 3.86 28.32
CA ASP B 56 0.78 3.04 27.79
C ASP B 56 1.24 1.65 27.34
N PHE B 57 2.55 1.45 27.35
CA PHE B 57 3.14 0.23 26.88
C PHE B 57 2.85 -0.85 27.89
N TYR B 58 2.52 -2.01 27.35
CA TYR B 58 2.23 -3.18 28.16
C TYR B 58 3.35 -4.21 28.03
N LYS B 59 3.59 -4.71 26.82
CA LYS B 59 4.57 -5.78 26.59
C LYS B 59 4.80 -5.94 25.11
N SER B 60 5.93 -6.56 24.77
CA SER B 60 6.22 -6.96 23.40
C SER B 60 6.19 -8.48 23.38
N MET B 61 5.64 -9.06 22.31
CA MET B 61 5.55 -10.50 22.26
C MET B 61 5.81 -11.04 20.88
N THR B 62 6.36 -12.23 20.83
CA THR B 62 6.56 -12.98 19.59
C THR B 62 5.82 -14.31 19.69
N THR B 63 5.99 -15.18 18.68
CA THR B 63 5.27 -16.44 18.62
C THR B 63 6.20 -17.53 18.17
N TYR B 64 5.75 -18.78 18.25
CA TYR B 64 6.51 -19.85 17.66
C TYR B 64 6.34 -19.81 16.14
N SER B 65 5.15 -19.48 15.67
CA SER B 65 4.92 -19.46 14.20
C SER B 65 5.73 -18.38 13.48
N ASP B 66 5.98 -17.25 14.13
CA ASP B 66 6.68 -16.14 13.47
C ASP B 66 7.67 -15.53 14.46
N HIS B 67 8.72 -16.29 14.77
CA HIS B 67 9.58 -16.05 15.91
CA HIS B 67 9.56 -16.01 15.93
C HIS B 67 10.48 -14.83 15.69
N THR B 68 10.57 -14.35 14.46
CA THR B 68 11.39 -13.18 14.17
C THR B 68 10.59 -11.88 14.28
N ILE B 69 9.27 -11.95 14.36
CA ILE B 69 8.41 -10.75 14.38
C ILE B 69 7.88 -10.49 15.77
N TRP B 70 7.99 -9.23 16.19
CA TRP B 70 7.53 -8.79 17.48
C TRP B 70 6.34 -7.84 17.36
N GLN B 71 5.38 -7.99 18.27
CA GLN B 71 4.23 -7.10 18.32
C GLN B 71 4.25 -6.38 19.65
N ASP B 72 4.24 -5.06 19.56
CA ASP B 72 4.24 -4.19 20.74
C ASP B 72 2.79 -3.92 21.15
N VAL B 73 2.49 -4.19 22.40
CA VAL B 73 1.13 -4.05 22.88
C VAL B 73 1.05 -2.81 23.78
N TYR B 74 0.11 -1.93 23.44
CA TYR B 74 -0.21 -0.71 24.20
C TYR B 74 -1.64 -0.70 24.66
N ARG B 75 -1.89 -0.10 25.83
CA ARG B 75 -3.25 -0.07 26.35
C ARG B 75 -3.70 1.34 26.81
N PRO B 76 -3.89 2.24 25.84
CA PRO B 76 -4.27 3.63 26.16
C PRO B 76 -5.69 3.68 26.71
N ARG B 77 -5.95 4.64 27.59
CA ARG B 77 -7.25 4.84 28.15
C ARG B 77 -7.81 6.01 27.39
N LEU B 78 -8.90 5.77 26.68
CA LEU B 78 -9.57 6.77 25.89
C LEU B 78 -10.92 7.07 26.49
N VAL B 79 -11.51 8.19 26.08
CA VAL B 79 -12.86 8.54 26.47
C VAL B 79 -13.73 7.36 26.08
N THR B 80 -13.38 6.73 24.96
CA THR B 80 -14.20 5.61 24.50
C THR B 80 -14.00 4.31 25.31
N GLY B 81 -12.95 4.28 26.14
CA GLY B 81 -12.62 3.14 27.01
C GLY B 81 -11.15 2.75 26.87
N GLN B 82 -10.73 1.68 27.56
CA GLN B 82 -9.36 1.20 27.46
C GLN B 82 -9.23 0.22 26.29
N VAL B 83 -8.29 0.48 25.38
CA VAL B 83 -8.14 -0.30 24.17
CA VAL B 83 -8.16 -0.31 24.17
C VAL B 83 -6.78 -0.95 24.13
N TYR B 84 -6.71 -2.22 23.73
CA TYR B 84 -5.43 -2.89 23.54
C TYR B 84 -5.04 -2.89 22.06
N LEU B 85 -3.98 -2.16 21.73
CA LEU B 85 -3.49 -2.07 20.34
C LEU B 85 -2.25 -2.91 20.26
N LYS B 86 -2.03 -3.55 19.12
CA LYS B 86 -0.80 -4.31 18.87
C LYS B 86 -0.17 -3.73 17.61
N ILE B 87 1.10 -3.35 17.68
CA ILE B 87 1.75 -2.73 16.55
CA ILE B 87 1.81 -2.67 16.61
C ILE B 87 3.03 -3.48 16.16
N THR B 88 3.15 -3.69 14.84
CA THR B 88 4.33 -4.28 14.24
C THR B 88 4.84 -3.34 13.14
N VAL B 89 6.15 -3.14 13.04
CA VAL B 89 6.77 -2.38 11.95
C VAL B 89 7.39 -3.34 10.96
N ILE B 90 6.86 -3.38 9.74
CA ILE B 90 7.39 -4.26 8.67
C ILE B 90 7.82 -3.35 7.52
N HIS B 91 9.12 -3.38 7.19
CA HIS B 91 9.68 -2.55 6.11
C HIS B 91 9.10 -1.12 6.03
N ASP B 92 9.30 -0.37 7.13
CA ASP B 92 8.86 1.01 7.26
C ASP B 92 7.37 1.26 7.10
N VAL B 93 6.54 0.26 7.42
CA VAL B 93 5.09 0.43 7.43
C VAL B 93 4.63 -0.08 8.77
N LEU B 94 3.86 0.72 9.49
CA LEU B 94 3.26 0.32 10.76
C LEU B 94 1.98 -0.45 10.52
N ILE B 95 1.91 -1.65 11.10
CA ILE B 95 0.75 -2.50 10.99
C ILE B 95 0.05 -2.52 12.38
N VAL B 96 -1.20 -2.13 12.40
CA VAL B 96 -1.92 -2.00 13.66
C VAL B 96 -3.04 -3.04 13.75
N SER B 97 -3.11 -3.74 14.88
CA SER B 97 -4.22 -4.67 15.14
C SER B 97 -4.73 -4.46 16.56
N PHE B 98 -5.82 -5.15 16.91
CA PHE B 98 -6.35 -5.08 18.28
C PHE B 98 -6.17 -6.44 18.91
N LYS B 99 -5.99 -6.50 20.23
CA LYS B 99 -5.87 -7.80 20.89
C LYS B 99 -7.10 -8.66 20.58
N GLU B 100 -6.90 -9.92 20.25
CA GLU B 100 -7.97 -10.84 19.82
C GLU B 100 -8.98 -11.08 20.95
N MET C 1 11.91 10.54 -27.07
CA MET C 1 12.48 9.22 -26.65
C MET C 1 11.66 8.07 -27.23
N LYS C 2 12.25 6.88 -27.29
CA LYS C 2 11.55 5.69 -27.77
C LYS C 2 10.74 5.06 -26.64
N CYS C 3 9.66 4.38 -27.03
CA CYS C 3 8.77 3.71 -26.09
C CYS C 3 9.50 2.59 -25.36
N PRO C 4 9.35 2.56 -24.02
CA PRO C 4 9.95 1.52 -23.18
C PRO C 4 9.42 0.12 -23.47
N VAL C 5 8.18 0.01 -23.94
CA VAL C 5 7.53 -1.29 -24.08
C VAL C 5 7.74 -1.87 -25.49
N CYS C 6 7.40 -1.12 -26.53
CA CYS C 6 7.53 -1.63 -27.89
C CYS C 6 8.84 -1.26 -28.58
N HIS C 7 9.60 -0.34 -27.99
CA HIS C 7 10.93 0.06 -28.47
C HIS C 7 10.95 0.69 -29.88
N GLN C 8 9.77 0.98 -30.44
CA GLN C 8 9.62 1.38 -31.84
C GLN C 8 9.21 2.83 -31.95
N GLY C 9 8.07 3.14 -31.35
CA GLY C 9 7.44 4.43 -31.51
C GLY C 9 8.11 5.49 -30.65
N GLU C 10 8.14 6.71 -31.19
CA GLU C 10 8.51 7.90 -30.44
C GLU C 10 7.33 8.23 -29.52
N MET C 11 7.63 8.83 -28.37
CA MET C 11 6.60 9.28 -27.44
C MET C 11 6.29 10.72 -27.80
N VAL C 12 5.01 11.08 -27.82
CA VAL C 12 4.58 12.44 -28.14
C VAL C 12 3.56 12.93 -27.10
N SER C 13 3.75 14.15 -26.59
CA SER C 13 2.83 14.73 -25.58
C SER C 13 1.41 14.81 -26.11
N GLY C 14 0.42 14.64 -25.22
CA GLY C 14 -0.98 14.68 -25.65
C GLY C 14 -2.04 14.33 -24.65
N ILE C 15 -3.29 14.42 -25.12
CA ILE C 15 -4.49 14.25 -24.28
C ILE C 15 -5.43 13.22 -24.90
N LYS C 16 -5.56 12.06 -24.25
CA LYS C 16 -6.28 10.91 -24.83
C LYS C 16 -7.38 10.35 -23.91
N ASP C 17 -8.49 9.92 -24.53
CA ASP C 17 -9.55 9.20 -23.83
C ASP C 17 -9.14 7.73 -23.74
N ILE C 18 -9.07 7.21 -22.51
CA ILE C 18 -8.53 5.85 -22.27
C ILE C 18 -9.61 4.84 -21.83
N PRO C 19 -9.92 3.86 -22.70
CA PRO C 19 -10.88 2.82 -22.31
C PRO C 19 -10.41 2.07 -21.07
N TYR C 20 -11.33 1.67 -20.20
CA TYR C 20 -10.94 1.01 -18.95
C TYR C 20 -11.94 -0.09 -18.56
N THR C 27 -16.11 1.47 -18.96
CA THR C 27 -16.08 2.93 -18.99
C THR C 27 -15.06 3.48 -20.01
N VAL C 28 -14.94 4.80 -20.06
CA VAL C 28 -13.86 5.50 -20.77
C VAL C 28 -13.39 6.67 -19.87
N LEU C 29 -12.08 6.73 -19.61
CA LEU C 29 -11.49 7.81 -18.80
C LEU C 29 -11.05 8.92 -19.75
N LYS C 30 -11.64 10.11 -19.60
CA LYS C 30 -11.41 11.21 -20.55
C LYS C 30 -10.31 12.16 -20.09
N GLY C 31 -9.69 12.82 -21.06
CA GLY C 31 -8.77 13.93 -20.83
C GLY C 31 -7.49 13.61 -20.09
N ILE C 32 -6.88 12.45 -20.37
CA ILE C 32 -5.65 12.04 -19.67
C ILE C 32 -4.39 12.57 -20.36
N HIS C 33 -3.65 13.40 -19.62
CA HIS C 33 -2.40 13.97 -20.10
C HIS C 33 -1.24 13.02 -19.91
N GLY C 34 -0.43 12.87 -20.95
CA GLY C 34 0.82 12.12 -20.87
C GLY C 34 1.63 12.17 -22.15
N LEU C 35 2.74 11.43 -22.14
CA LEU C 35 3.54 11.14 -23.35
C LEU C 35 3.08 9.80 -23.90
N TYR C 36 2.48 9.81 -25.09
CA TYR C 36 1.89 8.63 -25.69
C TYR C 36 2.78 8.07 -26.79
N CYS C 37 3.06 6.77 -26.74
CA CYS C 37 3.71 6.06 -27.87
C CYS C 37 2.80 6.17 -29.09
N VAL C 38 3.37 6.42 -30.26
CA VAL C 38 2.58 6.43 -31.47
C VAL C 38 2.32 5.01 -32.04
N HIS C 39 2.94 3.98 -31.48
CA HIS C 39 2.87 2.61 -32.04
C HIS C 39 2.15 1.59 -31.14
N CYS C 40 2.28 1.71 -29.83
CA CYS C 40 1.51 0.87 -28.91
C CYS C 40 0.72 1.78 -27.96
N GLU C 41 0.00 1.21 -27.01
CA GLU C 41 -0.89 2.06 -26.21
C GLU C 41 -0.30 2.57 -24.89
N GLU C 42 0.99 2.30 -24.69
CA GLU C 42 1.68 2.76 -23.51
C GLU C 42 1.85 4.27 -23.49
N SER C 43 1.91 4.78 -22.26
CA SER C 43 2.24 6.17 -22.01
C SER C 43 3.22 6.27 -20.86
N ILE C 44 3.93 7.40 -20.84
CA ILE C 44 4.76 7.78 -19.72
C ILE C 44 4.13 9.03 -19.09
N MET C 45 4.05 9.01 -17.75
CA MET C 45 3.41 10.10 -16.99
C MET C 45 4.31 10.62 -15.87
N ASN C 46 4.18 11.92 -15.59
CA ASN C 46 4.79 12.49 -14.39
C ASN C 46 3.85 12.36 -13.19
N LYS C 47 4.33 12.85 -12.05
CA LYS C 47 3.57 12.87 -10.79
C LYS C 47 2.13 13.36 -10.97
N GLU C 48 1.98 14.60 -11.43
CA GLU C 48 0.67 15.25 -11.59
C GLU C 48 -0.28 14.40 -12.43
N GLU C 49 0.21 14.05 -13.63
CA GLU C 49 -0.52 13.21 -14.57
C GLU C 49 -0.89 11.86 -13.97
N SER C 50 0.06 11.20 -13.33
CA SER C 50 -0.21 9.90 -12.70
C SER C 50 -1.39 9.99 -11.69
N ASP C 51 -1.32 10.98 -10.83
CA ASP C 51 -2.42 11.27 -9.88
C ASP C 51 -3.82 11.52 -10.47
N ALA C 52 -3.90 12.39 -11.48
CA ALA C 52 -5.17 12.67 -12.13
C ALA C 52 -5.76 11.38 -12.69
N PHE C 53 -4.87 10.53 -13.19
CA PHE C 53 -5.26 9.29 -13.82
C PHE C 53 -5.80 8.31 -12.80
N MET C 54 -5.08 8.12 -11.70
CA MET C 54 -5.53 7.17 -10.67
C MET C 54 -6.82 7.66 -9.97
N ALA C 55 -6.96 8.98 -9.82
CA ALA C 55 -8.23 9.56 -9.32
C ALA C 55 -9.44 9.10 -10.14
N GLN C 56 -9.34 9.20 -11.47
CA GLN C 56 -10.41 8.77 -12.36
C GLN C 56 -10.65 7.24 -12.28
N VAL C 57 -9.59 6.44 -12.23
CA VAL C 57 -9.74 4.96 -12.11
C VAL C 57 -10.44 4.56 -10.82
N LYS C 58 -10.17 5.29 -9.74
CA LYS C 58 -10.71 4.94 -8.43
C LYS C 58 -12.14 5.44 -8.30
N ALA C 59 -12.41 6.60 -8.92
CA ALA C 59 -13.76 7.17 -9.00
C ALA C 59 -14.65 6.10 -9.61
N PHE C 60 -14.32 5.65 -10.82
CA PHE C 60 -15.07 4.58 -11.49
C PHE C 60 -15.22 3.30 -10.63
N ARG C 61 -14.10 2.65 -10.26
CA ARG C 61 -14.14 1.43 -9.41
C ARG C 61 -15.12 1.53 -8.26
N ALA C 62 -15.08 2.64 -7.51
CA ALA C 62 -15.97 2.84 -6.36
C ALA C 62 -17.45 2.89 -6.82
N SER C 63 -17.67 3.44 -8.01
CA SER C 63 -18.98 3.42 -8.67
C SER C 63 -19.43 2.02 -9.13
N VAL C 64 -18.49 1.17 -9.53
CA VAL C 64 -18.80 -0.21 -9.98
C VAL C 64 -19.04 -1.16 -8.78
N ASN C 65 -18.30 -0.94 -7.69
CA ASN C 65 -18.48 -1.69 -6.45
C ASN C 65 -19.81 -1.30 -5.78
N GLU D 5 23.06 -9.52 -19.88
CA GLU D 5 23.05 -9.28 -18.40
C GLU D 5 24.43 -8.85 -17.87
N LYS D 6 24.43 -7.99 -16.85
CA LYS D 6 25.63 -7.56 -16.13
C LYS D 6 25.31 -7.56 -14.62
N ARG D 7 26.31 -7.77 -13.78
CA ARG D 7 26.11 -7.94 -12.33
C ARG D 7 26.51 -6.70 -11.50
N THR D 8 26.73 -5.57 -12.16
CA THR D 8 26.84 -4.28 -11.47
C THR D 8 25.87 -3.30 -12.12
N PRO D 9 25.33 -2.35 -11.32
CA PRO D 9 24.34 -1.44 -11.88
C PRO D 9 24.94 -0.56 -12.96
N HIS D 10 24.15 -0.24 -13.97
CA HIS D 10 24.55 0.69 -15.00
C HIS D 10 24.63 2.12 -14.43
N THR D 11 23.64 2.48 -13.61
CA THR D 11 23.62 3.80 -12.99
C THR D 11 23.87 3.65 -11.48
N ARG D 12 24.80 4.45 -10.96
CA ARG D 12 25.11 4.46 -9.53
C ARG D 12 23.83 4.81 -8.78
N LEU D 13 23.59 4.11 -7.67
CA LEU D 13 22.36 4.30 -6.88
C LEU D 13 22.22 5.74 -6.34
N SER D 14 23.35 6.33 -5.91
CA SER D 14 23.44 7.76 -5.58
C SER D 14 22.80 8.64 -6.64
N GLN D 15 23.14 8.36 -7.91
CA GLN D 15 22.68 9.16 -9.04
C GLN D 15 21.19 8.96 -9.29
N VAL D 16 20.76 7.70 -9.20
CA VAL D 16 19.34 7.35 -9.29
C VAL D 16 18.52 8.12 -8.26
N LYS D 17 18.99 8.10 -7.01
CA LYS D 17 18.32 8.85 -5.94
C LYS D 17 18.35 10.36 -6.18
N LYS D 18 19.49 10.87 -6.63
CA LYS D 18 19.60 12.28 -7.06
C LYS D 18 18.51 12.64 -8.07
N LEU D 19 18.30 11.77 -9.06
CA LEU D 19 17.31 12.02 -10.11
C LEU D 19 15.90 11.98 -9.54
N VAL D 20 15.62 11.03 -8.67
CA VAL D 20 14.33 10.95 -8.01
C VAL D 20 14.10 12.24 -7.20
N ASN D 21 15.09 12.59 -6.37
CA ASN D 21 15.00 13.77 -5.48
C ASN D 21 14.92 15.08 -6.26
N ALA D 22 15.38 15.09 -7.51
CA ALA D 22 15.23 16.25 -8.39
C ALA D 22 13.87 16.29 -9.07
N GLY D 23 13.06 15.25 -8.89
CA GLY D 23 11.76 15.17 -9.52
C GLY D 23 11.83 14.77 -11.00
N GLN D 24 13.01 14.34 -11.45
CA GLN D 24 13.18 13.89 -12.82
C GLN D 24 12.99 12.37 -12.88
N VAL D 25 11.76 11.98 -12.57
CA VAL D 25 11.32 10.59 -12.58
C VAL D 25 9.99 10.53 -13.30
N ARG D 26 9.81 9.44 -14.04
CA ARG D 26 8.61 9.16 -14.78
C ARG D 26 8.30 7.68 -14.61
N THR D 27 7.06 7.32 -14.86
CA THR D 27 6.66 5.93 -14.79
C THR D 27 5.75 5.67 -15.95
N THR D 28 5.69 4.42 -16.38
CA THR D 28 4.70 4.02 -17.37
C THR D 28 3.34 3.92 -16.70
N ARG D 29 2.31 4.02 -17.51
CA ARG D 29 0.95 3.86 -17.05
C ARG D 29 0.66 2.49 -16.42
N SER D 30 1.12 1.41 -17.06
CA SER D 30 0.93 0.06 -16.51
C SER D 30 1.64 -0.13 -15.17
N ALA D 31 2.84 0.43 -15.03
CA ALA D 31 3.59 0.32 -13.79
C ALA D 31 2.85 1.05 -12.69
N LEU D 32 2.22 2.18 -13.06
CA LEU D 32 1.41 2.96 -12.13
C LEU D 32 0.23 2.17 -11.58
N LEU D 33 -0.49 1.47 -12.46
CA LEU D 33 -1.59 0.57 -12.06
C LEU D 33 -1.09 -0.61 -11.22
N ASN D 34 0.07 -1.19 -11.56
CA ASN D 34 0.68 -2.27 -10.78
C ASN D 34 1.09 -1.81 -9.39
N ALA D 35 1.70 -0.63 -9.32
CA ALA D 35 2.07 -0.05 -8.03
C ALA D 35 0.83 0.23 -7.15
N ASP D 36 -0.26 0.73 -7.77
CA ASP D 36 -1.52 0.92 -7.04
C ASP D 36 -2.03 -0.37 -6.41
N GLU D 37 -1.87 -1.49 -7.10
CA GLU D 37 -2.16 -2.79 -6.50
C GLU D 37 -1.44 -3.02 -5.17
N LEU D 38 -0.24 -2.44 -5.02
CA LEU D 38 0.60 -2.64 -3.84
C LEU D 38 0.47 -1.51 -2.82
N GLY D 39 -0.50 -0.63 -3.04
CA GLY D 39 -0.79 0.50 -2.13
C GLY D 39 0.18 1.63 -2.33
N LEU D 40 0.77 1.71 -3.53
CA LEU D 40 1.77 2.73 -3.83
C LEU D 40 1.29 3.70 -4.92
N ASP D 41 1.24 4.98 -4.60
CA ASP D 41 1.04 6.01 -5.61
C ASP D 41 2.40 6.37 -6.23
N PHE D 42 2.43 7.38 -7.08
CA PHE D 42 3.68 7.75 -7.73
C PHE D 42 4.74 8.11 -6.67
N ASP D 43 4.35 8.90 -5.67
CA ASP D 43 5.28 9.27 -4.59
C ASP D 43 5.75 8.03 -3.81
N GLY D 44 4.85 7.08 -3.60
CA GLY D 44 5.21 5.81 -2.96
C GLY D 44 6.23 4.99 -3.76
N MET D 45 6.13 5.00 -5.08
CA MET D 45 7.13 4.33 -5.91
C MET D 45 8.47 5.02 -5.77
N CYS D 46 8.46 6.36 -5.70
CA CYS D 46 9.69 7.15 -5.54
C CYS D 46 10.34 6.85 -4.19
N ASN D 47 9.51 6.76 -3.15
CA ASN D 47 9.99 6.40 -1.80
C ASN D 47 10.60 5.00 -1.75
N VAL D 48 10.05 4.06 -2.52
CA VAL D 48 10.66 2.72 -2.62
C VAL D 48 12.05 2.85 -3.20
N ILE D 49 12.16 3.65 -4.25
CA ILE D 49 13.47 3.87 -4.88
C ILE D 49 14.44 4.49 -3.88
N ILE D 50 13.99 5.53 -3.18
CA ILE D 50 14.82 6.17 -2.14
C ILE D 50 15.20 5.18 -1.03
N GLY D 51 14.30 4.25 -0.69
CA GLY D 51 14.60 3.21 0.31
C GLY D 51 15.56 2.09 -0.12
N LEU D 52 15.92 2.03 -1.41
CA LEU D 52 16.76 0.94 -1.92
C LEU D 52 18.17 0.87 -1.30
N SER D 53 18.67 -0.36 -1.11
CA SER D 53 20.10 -0.59 -0.85
C SER D 53 20.76 -1.33 -2.01
N GLU D 54 22.10 -1.37 -2.01
CA GLU D 54 22.84 -2.10 -3.03
C GLU D 54 22.53 -3.60 -2.94
N SER D 55 22.24 -4.07 -1.72
CA SER D 55 21.78 -5.44 -1.48
C SER D 55 20.48 -5.80 -2.23
N ASP D 56 19.62 -4.80 -2.46
CA ASP D 56 18.38 -4.99 -3.24
C ASP D 56 18.61 -5.18 -4.75
N PHE D 57 19.82 -4.91 -5.24
CA PHE D 57 20.12 -5.02 -6.68
C PHE D 57 20.15 -6.50 -7.12
N TYR D 58 19.51 -6.79 -8.27
CA TYR D 58 19.44 -8.16 -8.78
C TYR D 58 20.32 -8.35 -10.02
N LYS D 59 20.07 -7.57 -11.08
CA LYS D 59 20.90 -7.58 -12.30
C LYS D 59 20.66 -6.34 -13.16
N SER D 60 21.53 -6.11 -14.16
CA SER D 60 21.33 -5.09 -15.17
C SER D 60 21.03 -5.77 -16.52
N MET D 61 19.91 -5.44 -17.18
CA MET D 61 19.50 -6.11 -18.44
C MET D 61 19.43 -5.15 -19.60
N THR D 62 19.70 -5.65 -20.79
CA THR D 62 19.56 -4.88 -22.01
C THR D 62 18.69 -5.73 -22.92
N THR D 63 17.54 -5.19 -23.30
CA THR D 63 16.69 -5.80 -24.32
C THR D 63 16.74 -4.96 -25.58
N HIS D 67 21.14 -2.76 -28.16
CA HIS D 67 22.38 -2.81 -27.39
C HIS D 67 22.44 -1.68 -26.34
N THR D 68 21.78 -0.56 -26.65
CA THR D 68 22.17 0.75 -26.10
C THR D 68 21.54 1.19 -24.79
N ILE D 69 20.39 0.63 -24.41
CA ILE D 69 19.71 1.05 -23.17
C ILE D 69 19.71 -0.06 -22.12
N TRP D 70 20.14 0.26 -20.91
CA TRP D 70 20.23 -0.71 -19.82
C TRP D 70 19.14 -0.45 -18.80
N GLN D 71 18.60 -1.52 -18.25
CA GLN D 71 17.64 -1.46 -17.18
C GLN D 71 18.26 -2.13 -15.98
N ASP D 72 18.33 -1.41 -14.85
CA ASP D 72 18.79 -1.99 -13.59
C ASP D 72 17.60 -2.58 -12.81
N VAL D 73 17.69 -3.87 -12.47
CA VAL D 73 16.62 -4.55 -11.77
C VAL D 73 16.94 -4.66 -10.28
N TYR D 74 16.01 -4.18 -9.48
CA TYR D 74 16.07 -4.29 -8.03
C TYR D 74 14.88 -5.09 -7.53
N ARG D 75 15.06 -5.74 -6.39
CA ARG D 75 13.99 -6.54 -5.80
C ARG D 75 13.84 -6.27 -4.31
N PRO D 76 13.40 -5.06 -3.97
CA PRO D 76 13.19 -4.79 -2.55
C PRO D 76 12.10 -5.65 -1.91
N ARG D 77 12.21 -5.89 -0.63
CA ARG D 77 11.16 -6.57 0.14
C ARG D 77 10.32 -5.50 0.80
N LEU D 78 9.04 -5.46 0.47
CA LEU D 78 8.11 -4.49 1.01
C LEU D 78 7.10 -5.19 1.89
N VAL D 79 6.28 -4.40 2.60
CA VAL D 79 5.24 -4.98 3.44
C VAL D 79 4.32 -5.86 2.59
N THR D 80 4.21 -5.56 1.30
CA THR D 80 3.38 -6.35 0.39
C THR D 80 4.13 -7.55 -0.20
N GLY D 81 5.39 -7.74 0.20
CA GLY D 81 6.22 -8.82 -0.31
C GLY D 81 7.33 -8.30 -1.19
N GLN D 82 8.00 -9.24 -1.86
CA GLN D 82 9.07 -8.88 -2.79
C GLN D 82 8.50 -8.38 -4.11
N VAL D 83 9.06 -7.26 -4.58
CA VAL D 83 8.65 -6.63 -5.83
C VAL D 83 9.90 -6.52 -6.71
N TYR D 84 9.76 -6.79 -8.00
CA TYR D 84 10.83 -6.54 -8.97
C TYR D 84 10.55 -5.22 -9.64
N LEU D 85 11.47 -4.28 -9.53
CA LEU D 85 11.33 -3.04 -10.23
C LEU D 85 12.54 -2.77 -11.09
N LYS D 86 12.30 -2.14 -12.23
CA LYS D 86 13.34 -1.88 -13.18
C LYS D 86 13.45 -0.38 -13.25
N ILE D 87 14.67 0.12 -13.29
CA ILE D 87 14.90 1.53 -13.56
C ILE D 87 15.81 1.71 -14.77
N THR D 88 15.42 2.64 -15.65
CA THR D 88 16.24 3.04 -16.77
C THR D 88 16.44 4.54 -16.69
N VAL D 89 17.67 5.02 -16.92
CA VAL D 89 17.92 6.44 -17.03
C VAL D 89 18.04 6.78 -18.51
N ILE D 90 17.15 7.65 -19.02
CA ILE D 90 17.22 8.18 -20.40
C ILE D 90 17.21 9.72 -20.41
N HIS D 91 18.25 10.33 -20.99
CA HIS D 91 18.29 11.79 -21.13
C HIS D 91 17.99 12.53 -19.83
N ASP D 92 18.67 12.14 -18.75
CA ASP D 92 18.45 12.74 -17.41
C ASP D 92 17.00 12.61 -16.89
N VAL D 93 16.37 11.49 -17.23
CA VAL D 93 15.03 11.16 -16.73
C VAL D 93 15.00 9.69 -16.30
N LEU D 94 14.56 9.45 -15.07
CA LEU D 94 14.53 8.10 -14.53
C LEU D 94 13.18 7.53 -14.87
N ILE D 95 13.15 6.38 -15.52
CA ILE D 95 11.89 5.69 -15.79
C ILE D 95 11.81 4.45 -14.89
N VAL D 96 10.76 4.37 -14.09
CA VAL D 96 10.60 3.29 -13.14
C VAL D 96 9.42 2.42 -13.58
N SER D 97 9.67 1.11 -13.60
CA SER D 97 8.68 0.12 -14.02
C SER D 97 8.59 -0.85 -12.89
N PHE D 98 7.44 -1.48 -12.80
CA PHE D 98 7.09 -2.34 -11.68
C PHE D 98 6.68 -3.71 -12.16
ZN ZN E . -3.96 -15.31 8.90
C1 GOL F . -27.10 2.64 14.85
O1 GOL F . -28.31 2.54 15.59
C2 GOL F . -26.83 1.30 14.16
O2 GOL F . -28.08 0.68 13.87
C3 GOL F . -25.98 1.34 12.88
O3 GOL F . -25.46 2.57 12.36
C1 GOL G . 0.20 4.32 2.10
O1 GOL G . -1.09 4.81 2.37
C2 GOL G . 0.10 2.79 2.22
O2 GOL G . -0.38 2.21 1.01
C3 GOL G . 1.49 2.27 2.54
O3 GOL G . 1.46 1.61 3.77
ZN ZN H . 5.14 1.65 -27.66
#